data_6XIO
#
_entry.id   6XIO
#
_cell.length_a   67.574
_cell.length_b   79.589
_cell.length_c   108.574
_cell.angle_alpha   90.000
_cell.angle_beta   90.000
_cell.angle_gamma   90.000
#
_symmetry.space_group_name_H-M   'P 21 21 21'
#
loop_
_entity.id
_entity.type
_entity.pdbx_description
1 polymer 'ADP-dependent phosphofructokinase'
2 non-polymer "5'-O-[(R)-HYDROXY(THIOPHOSPHONOOXY)PHOSPHORYL]ADENOSINE"
3 non-polymer 6-O-phosphono-beta-D-fructofuranose
4 non-polymer 'MAGNESIUM ION'
5 water water
#
_entity_poly.entity_id   1
_entity_poly.type   'polypeptide(L)'
_entity_poly.pdbx_seq_one_letter_code
;MGSSHHHHHHSSGENLYFQGHMDISEWEKRYNEAYSDISKSLKKVKGIFVAYNSNIDAIKHIDEDDIEKLLEQVDAKEVQ
ERIMEYPRQIDSPADFVARLIISMRDGKAAEVPTYTTDIHEWLTDNLGFDEARMGGQAGIISNLLANMGIKNVIAYVPWL
SKEQAEYFVDSENLLHPVVENGKLELKHPKEAYNPDNKPKVNWIIEFSKGLEVKFAGEKIVVPRDNRLIVSSRPPWIRID
MSEELYEHLPEIGKNIDGAILSGYQMIKEEYEDGKTYKDYVEKAVNVIKRLKEGNPDIRIHVEFTSIQNKLIRKAILKDI
VRKHVHSLGLDTVEVANALNVLGYEELAYSVIKKDENAIVALYEGAVILLHELKLERVHVHSLGYYICVVSKDSPVSPED
HRKSLLFASTVAAARALLGNINSLDDIEAGLDVPVSEQGYNQLEKLEKYLVRRGICTLEDFENGCICTPNHDVIIIPTKV
VEKPVATVGIGDTISAAAFVSVLAKMKKKNE
;
_entity_poly.pdbx_strand_id   A
#
# COMPACT_ATOMS: atom_id res chain seq x y z
N MET A 22 19.50 12.64 23.41
CA MET A 22 18.21 11.99 23.66
C MET A 22 18.10 10.67 22.90
N ASP A 23 18.89 10.54 21.83
CA ASP A 23 18.85 9.35 20.99
C ASP A 23 19.54 8.19 21.69
N ILE A 24 18.78 7.15 22.03
CA ILE A 24 19.30 5.98 22.71
C ILE A 24 19.56 4.89 21.66
N SER A 25 20.73 4.26 21.75
CA SER A 25 21.14 3.26 20.78
C SER A 25 20.46 1.91 20.96
N GLU A 26 19.53 1.79 21.92
CA GLU A 26 18.85 0.52 22.14
C GLU A 26 17.96 0.13 20.96
N TRP A 27 17.61 1.10 20.09
CA TRP A 27 16.72 0.79 18.97
C TRP A 27 17.36 -0.21 18.00
N GLU A 28 18.70 -0.21 17.90
CA GLU A 28 19.35 -1.19 17.05
C GLU A 28 19.18 -2.60 17.59
N LYS A 29 19.00 -2.75 18.90
CA LYS A 29 18.76 -4.06 19.49
C LYS A 29 17.31 -4.51 19.27
N ARG A 30 16.36 -3.57 19.27
CA ARG A 30 14.97 -3.93 19.05
C ARG A 30 14.74 -4.43 17.62
N TYR A 31 15.46 -3.88 16.65
CA TYR A 31 15.34 -4.35 15.28
C TYR A 31 15.84 -5.78 15.14
N ASN A 32 16.95 -6.11 15.80
CA ASN A 32 17.55 -7.42 15.65
C ASN A 32 16.69 -8.52 16.27
N GLU A 33 16.20 -8.28 17.49
CA GLU A 33 15.36 -9.27 18.15
C GLU A 33 13.98 -9.39 17.51
N ALA A 34 13.58 -8.41 16.71
CA ALA A 34 12.29 -8.46 16.02
C ALA A 34 12.38 -9.26 14.72
N TYR A 35 13.51 -9.16 14.01
CA TYR A 35 13.65 -9.88 12.74
C TYR A 35 13.62 -11.38 12.97
N SER A 36 14.34 -11.87 13.98
CA SER A 36 14.39 -13.31 14.23
C SER A 36 13.06 -13.84 14.76
N ASP A 37 12.35 -13.04 15.56
CA ASP A 37 11.09 -13.50 16.12
C ASP A 37 9.98 -13.55 15.07
N ILE A 38 10.00 -12.62 14.11
CA ILE A 38 8.98 -12.61 13.07
C ILE A 38 9.28 -13.68 12.01
N SER A 39 10.53 -13.78 11.58
CA SER A 39 10.89 -14.77 10.58
C SER A 39 10.60 -16.18 11.07
N LYS A 40 10.78 -16.43 12.37
CA LYS A 40 10.45 -17.72 12.94
C LYS A 40 8.95 -17.95 13.08
N SER A 41 8.14 -16.90 12.89
CA SER A 41 6.69 -17.02 12.96
C SER A 41 6.01 -16.96 11.60
N LEU A 42 6.74 -16.59 10.54
CA LEU A 42 6.13 -16.49 9.22
C LEU A 42 5.70 -17.82 8.64
N LYS A 43 5.98 -18.93 9.32
CA LYS A 43 5.46 -20.22 8.92
C LYS A 43 4.06 -20.49 9.46
N LYS A 44 3.63 -19.71 10.46
CA LYS A 44 2.33 -19.92 11.09
C LYS A 44 1.17 -19.43 10.24
N VAL A 45 1.42 -18.81 9.08
CA VAL A 45 0.37 -18.28 8.23
C VAL A 45 0.05 -19.30 7.15
N LYS A 46 -1.25 -19.58 6.98
CA LYS A 46 -1.66 -20.54 5.96
C LYS A 46 -1.50 -19.95 4.56
N GLY A 47 -2.16 -18.82 4.31
CA GLY A 47 -2.08 -18.20 2.99
C GLY A 47 -2.57 -16.77 3.03
N ILE A 48 -2.30 -16.06 1.94
CA ILE A 48 -2.73 -14.69 1.75
C ILE A 48 -3.42 -14.59 0.39
N PHE A 49 -4.47 -13.76 0.33
CA PHE A 49 -5.20 -13.49 -0.89
C PHE A 49 -4.97 -12.03 -1.28
N VAL A 50 -4.35 -11.81 -2.44
CA VAL A 50 -3.99 -10.49 -2.93
C VAL A 50 -4.63 -10.30 -4.29
N ALA A 51 -5.37 -9.21 -4.47
CA ALA A 51 -6.26 -9.13 -5.62
C ALA A 51 -6.36 -7.73 -6.18
N TYR A 52 -6.65 -7.68 -7.49
CA TYR A 52 -7.21 -6.54 -8.23
C TYR A 52 -6.24 -5.51 -8.80
N ASN A 53 -4.95 -5.70 -8.59
CA ASN A 53 -4.05 -4.64 -9.10
C ASN A 53 -2.78 -5.26 -9.66
N SER A 54 -2.62 -5.24 -10.96
CA SER A 54 -1.42 -5.74 -11.65
C SER A 54 -1.25 -4.99 -12.96
N ASN A 55 -0.05 -4.45 -13.17
CA ASN A 55 0.27 -3.77 -14.41
C ASN A 55 1.78 -3.80 -14.62
N ILE A 56 2.20 -3.32 -15.78
CA ILE A 56 3.62 -3.27 -16.16
C ILE A 56 4.06 -1.82 -16.13
N ASP A 57 4.91 -1.48 -15.17
CA ASP A 57 5.41 -0.11 -15.05
C ASP A 57 6.44 0.19 -16.12
N ALA A 58 6.45 1.45 -16.56
CA ALA A 58 7.42 1.95 -17.54
C ALA A 58 8.10 3.17 -16.92
N ILE A 59 9.26 2.95 -16.33
CA ILE A 59 9.98 4.02 -15.62
C ILE A 59 10.79 4.83 -16.61
N LYS A 60 10.51 6.13 -16.67
CA LYS A 60 11.25 7.06 -17.52
C LYS A 60 12.19 7.88 -16.64
N HIS A 61 13.48 7.85 -16.96
CA HIS A 61 14.49 8.54 -16.17
C HIS A 61 14.64 9.98 -16.64
N ILE A 62 14.70 10.90 -15.68
CA ILE A 62 14.86 12.32 -15.97
C ILE A 62 16.09 12.87 -15.27
N TYR A 86 -7.27 23.46 -13.35
CA TYR A 86 -6.80 22.27 -12.66
C TYR A 86 -7.32 21.01 -13.36
N PRO A 87 -6.46 20.38 -14.17
CA PRO A 87 -6.88 19.17 -14.87
C PRO A 87 -6.99 17.98 -13.92
N ARG A 88 -8.01 17.15 -14.15
CA ARG A 88 -8.24 15.97 -13.34
C ARG A 88 -7.83 14.68 -14.04
N GLN A 89 -7.75 14.68 -15.36
CA GLN A 89 -7.35 13.49 -16.11
C GLN A 89 -6.53 13.93 -17.32
N ILE A 90 -5.85 12.97 -17.93
CA ILE A 90 -4.95 13.23 -19.06
C ILE A 90 -5.64 12.78 -20.33
N ASP A 91 -6.04 13.75 -21.16
CA ASP A 91 -6.58 13.46 -22.47
C ASP A 91 -5.67 13.90 -23.61
N SER A 92 -4.95 15.00 -23.43
CA SER A 92 -4.05 15.57 -24.42
C SER A 92 -2.74 15.93 -23.74
N PRO A 93 -1.64 16.00 -24.51
CA PRO A 93 -0.33 16.22 -23.87
C PRO A 93 -0.22 17.49 -23.05
N ALA A 94 -0.96 18.55 -23.40
CA ALA A 94 -0.95 19.77 -22.61
C ALA A 94 -1.40 19.54 -21.17
N ASP A 95 -2.19 18.48 -20.94
CA ASP A 95 -2.56 18.12 -19.58
C ASP A 95 -1.45 17.34 -18.89
N PHE A 96 -0.71 16.53 -19.64
CA PHE A 96 0.38 15.75 -19.06
C PHE A 96 1.49 16.66 -18.55
N VAL A 97 1.89 17.64 -19.36
CA VAL A 97 2.94 18.57 -18.93
C VAL A 97 2.44 19.45 -17.80
N ALA A 98 1.16 19.82 -17.82
CA ALA A 98 0.61 20.65 -16.76
C ALA A 98 0.64 19.93 -15.41
N ARG A 99 0.21 18.67 -15.40
CA ARG A 99 0.25 17.88 -14.17
C ARG A 99 1.70 17.62 -13.74
N LEU A 100 2.62 17.55 -14.70
CA LEU A 100 4.03 17.39 -14.34
C LEU A 100 4.57 18.63 -13.65
N ILE A 101 4.08 19.81 -14.02
CA ILE A 101 4.55 21.04 -13.39
C ILE A 101 4.11 21.11 -11.93
N ILE A 102 2.93 20.59 -11.62
CA ILE A 102 2.46 20.57 -10.24
C ILE A 102 3.39 19.72 -9.38
N SER A 103 3.79 18.56 -9.89
CA SER A 103 4.76 17.73 -9.19
C SER A 103 6.14 18.37 -9.12
N MET A 104 6.44 19.29 -10.04
CA MET A 104 7.74 19.96 -10.06
C MET A 104 7.83 21.12 -9.08
N ARG A 105 6.73 21.58 -8.51
CA ARG A 105 6.75 22.67 -7.56
C ARG A 105 6.26 22.30 -6.17
N ASP A 106 5.72 21.10 -5.98
CA ASP A 106 5.32 20.63 -4.66
C ASP A 106 6.13 19.44 -4.17
N GLY A 107 6.76 18.70 -5.06
CA GLY A 107 7.40 17.46 -4.66
C GLY A 107 6.42 16.42 -4.18
N LYS A 108 5.14 16.56 -4.51
CA LYS A 108 4.11 15.65 -4.05
C LYS A 108 3.90 14.53 -5.07
N ALA A 109 3.69 13.32 -4.56
CA ALA A 109 3.40 12.17 -5.41
C ALA A 109 1.94 12.23 -5.83
N ALA A 110 1.70 12.54 -7.10
CA ALA A 110 0.35 12.64 -7.66
C ALA A 110 0.18 11.59 -8.74
N GLU A 111 -0.91 10.83 -8.66
CA GLU A 111 -1.23 9.79 -9.62
C GLU A 111 -2.47 10.22 -10.41
N VAL A 112 -2.32 10.33 -11.72
CA VAL A 112 -3.43 10.78 -12.58
C VAL A 112 -3.61 9.78 -13.72
N PRO A 113 -4.85 9.49 -14.11
CA PRO A 113 -5.09 8.41 -15.08
C PRO A 113 -5.37 8.87 -16.50
N THR A 114 -5.08 8.01 -17.47
CA THR A 114 -5.47 8.20 -18.86
C THR A 114 -6.37 7.04 -19.28
N TYR A 115 -7.33 7.32 -20.15
CA TYR A 115 -8.34 6.34 -20.53
C TYR A 115 -8.18 5.80 -21.93
N THR A 116 -7.58 6.55 -22.85
CA THR A 116 -7.41 6.11 -24.23
C THR A 116 -5.93 5.91 -24.53
N THR A 117 -5.66 5.01 -25.47
CA THR A 117 -4.30 4.74 -25.94
C THR A 117 -3.80 5.80 -26.91
N ASP A 118 -4.49 6.94 -27.01
CA ASP A 118 -4.07 7.99 -27.92
C ASP A 118 -2.69 8.53 -27.57
N ILE A 119 -2.34 8.54 -26.28
CA ILE A 119 -1.02 9.02 -25.86
C ILE A 119 -0.06 7.89 -25.48
N HIS A 120 -0.52 6.64 -25.49
CA HIS A 120 0.42 5.54 -25.34
C HIS A 120 1.42 5.53 -26.49
N GLU A 121 0.91 5.65 -27.72
CA GLU A 121 1.79 5.79 -28.89
C GLU A 121 2.46 7.15 -28.94
N TRP A 122 1.93 8.14 -28.22
CA TRP A 122 2.56 9.45 -28.18
C TRP A 122 3.93 9.39 -27.52
N LEU A 123 3.97 8.95 -26.25
CA LEU A 123 5.24 8.89 -25.53
C LEU A 123 6.12 7.77 -26.06
N THR A 124 5.54 6.60 -26.34
CA THR A 124 6.33 5.41 -26.69
C THR A 124 7.38 5.70 -27.76
N ASP A 125 7.09 6.63 -28.67
CA ASP A 125 8.08 7.05 -29.67
C ASP A 125 8.73 8.39 -29.34
N ASN A 126 7.97 9.36 -28.82
CA ASN A 126 8.55 10.66 -28.48
C ASN A 126 9.47 10.56 -27.27
N LEU A 127 9.21 9.63 -26.36
CA LEU A 127 10.00 9.48 -25.14
C LEU A 127 10.17 8.00 -24.84
N GLY A 128 11.40 7.50 -24.98
CA GLY A 128 11.64 6.10 -24.73
C GLY A 128 11.88 5.77 -23.26
N PHE A 129 11.09 4.85 -22.72
CA PHE A 129 11.33 4.38 -21.36
C PHE A 129 12.61 3.55 -21.33
N ASP A 130 13.20 3.46 -20.13
CA ASP A 130 14.47 2.75 -19.97
C ASP A 130 14.36 1.47 -19.16
N GLU A 131 13.30 1.28 -18.40
CA GLU A 131 13.15 0.07 -17.58
C GLU A 131 11.68 -0.26 -17.43
N ALA A 132 11.37 -1.56 -17.40
CA ALA A 132 10.01 -2.05 -17.22
C ALA A 132 10.02 -3.09 -16.10
N ARG A 133 9.28 -2.81 -15.03
CA ARG A 133 9.26 -3.67 -13.85
C ARG A 133 7.82 -4.01 -13.49
N MET A 134 7.69 -4.94 -12.54
CA MET A 134 6.38 -5.29 -12.00
C MET A 134 5.81 -4.10 -11.23
N GLY A 135 4.54 -3.82 -11.49
CA GLY A 135 3.85 -2.65 -10.91
C GLY A 135 2.46 -3.01 -10.42
N GLY A 136 1.84 -2.14 -9.63
CA GLY A 136 0.53 -2.36 -9.04
C GLY A 136 0.63 -2.77 -7.58
N GLN A 137 -0.38 -2.39 -6.82
CA GLN A 137 -0.40 -2.72 -5.40
C GLN A 137 -0.38 -4.23 -5.20
N ALA A 138 -1.33 -4.94 -5.83
CA ALA A 138 -1.42 -6.38 -5.64
C ALA A 138 -0.26 -7.11 -6.30
N GLY A 139 0.23 -6.60 -7.44
CA GLY A 139 1.32 -7.27 -8.12
C GLY A 139 2.61 -7.27 -7.30
N ILE A 140 3.00 -6.09 -6.80
CA ILE A 140 4.23 -6.00 -6.02
C ILE A 140 4.12 -6.81 -4.74
N ILE A 141 2.97 -6.72 -4.06
CA ILE A 141 2.78 -7.47 -2.82
C ILE A 141 2.77 -8.97 -3.08
N SER A 142 2.22 -9.40 -4.22
CA SER A 142 2.25 -10.82 -4.55
C SER A 142 3.67 -11.32 -4.74
N ASN A 143 4.51 -10.54 -5.42
CA ASN A 143 5.91 -10.92 -5.60
C ASN A 143 6.66 -10.90 -4.26
N LEU A 144 6.41 -9.89 -3.44
CA LEU A 144 7.12 -9.75 -2.17
C LEU A 144 6.84 -10.93 -1.24
N LEU A 145 5.56 -11.21 -1.01
CA LEU A 145 5.20 -12.29 -0.08
C LEU A 145 5.68 -13.64 -0.58
N ALA A 146 5.62 -13.86 -1.89
CA ALA A 146 6.13 -15.11 -2.45
C ALA A 146 7.64 -15.22 -2.25
N ASN A 147 8.36 -14.12 -2.47
CA ASN A 147 9.80 -14.10 -2.26
C ASN A 147 10.18 -14.22 -0.78
N MET A 148 9.23 -14.05 0.13
CA MET A 148 9.48 -14.20 1.56
C MET A 148 9.21 -15.60 2.07
N GLY A 149 8.80 -16.53 1.21
CA GLY A 149 8.48 -17.87 1.65
C GLY A 149 7.13 -18.00 2.31
N ILE A 150 6.25 -17.01 2.15
CA ILE A 150 4.90 -17.10 2.70
C ILE A 150 4.13 -18.19 1.97
N LYS A 151 3.52 -19.09 2.72
CA LYS A 151 2.83 -20.22 2.11
C LYS A 151 1.52 -19.77 1.49
N ASN A 152 1.15 -20.43 0.37
CA ASN A 152 -0.17 -20.31 -0.23
C ASN A 152 -0.52 -18.85 -0.57
N VAL A 153 0.36 -18.22 -1.34
CA VAL A 153 0.11 -16.86 -1.83
C VAL A 153 -0.80 -16.96 -3.04
N ILE A 154 -2.03 -16.47 -2.90
CA ILE A 154 -3.04 -16.55 -3.95
C ILE A 154 -3.21 -15.14 -4.54
N ALA A 155 -2.79 -14.98 -5.79
CA ALA A 155 -2.83 -13.69 -6.47
C ALA A 155 -3.86 -13.75 -7.59
N TYR A 156 -4.85 -12.85 -7.54
CA TYR A 156 -5.87 -12.75 -8.57
C TYR A 156 -5.80 -11.39 -9.23
N VAL A 157 -5.97 -11.39 -10.56
CA VAL A 157 -6.05 -10.15 -11.33
C VAL A 157 -7.03 -10.37 -12.48
N PRO A 158 -8.00 -9.47 -12.67
CA PRO A 158 -8.94 -9.66 -13.79
C PRO A 158 -8.28 -9.62 -15.15
N TRP A 159 -7.37 -8.69 -15.38
CA TRP A 159 -6.72 -8.53 -16.69
C TRP A 159 -5.40 -9.22 -16.39
N LEU A 160 -5.34 -10.52 -16.68
CA LEU A 160 -4.09 -11.26 -16.75
C LEU A 160 -3.72 -11.49 -18.20
N SER A 161 -2.55 -11.01 -18.60
CA SER A 161 -2.12 -11.02 -19.99
C SER A 161 -0.98 -11.99 -20.18
N LYS A 162 -0.70 -12.31 -21.45
CA LYS A 162 0.44 -13.14 -21.78
C LYS A 162 1.74 -12.45 -21.35
N GLU A 163 1.85 -11.15 -21.60
CA GLU A 163 3.03 -10.40 -21.17
C GLU A 163 3.04 -10.17 -19.67
N GLN A 164 1.88 -10.18 -19.01
CA GLN A 164 1.82 -9.92 -17.58
C GLN A 164 2.30 -11.11 -16.76
N ALA A 165 2.00 -12.33 -17.21
CA ALA A 165 2.36 -13.52 -16.45
C ALA A 165 3.87 -13.68 -16.33
N GLU A 166 4.63 -13.12 -17.27
CA GLU A 166 6.08 -13.26 -17.25
C GLU A 166 6.71 -12.48 -16.09
N TYR A 167 5.99 -11.52 -15.51
CA TYR A 167 6.54 -10.69 -14.45
C TYR A 167 6.35 -11.29 -13.07
N PHE A 168 5.50 -12.29 -12.91
CA PHE A 168 5.30 -12.94 -11.62
C PHE A 168 6.40 -13.97 -11.38
N VAL A 169 6.83 -14.07 -10.12
CA VAL A 169 7.88 -15.02 -9.76
C VAL A 169 7.36 -16.44 -9.90
N ASP A 170 8.25 -17.36 -10.24
CA ASP A 170 7.90 -18.75 -10.46
C ASP A 170 8.27 -19.54 -9.20
N SER A 171 7.26 -19.87 -8.41
CA SER A 171 7.46 -20.65 -7.19
C SER A 171 6.12 -21.26 -6.78
N GLU A 172 6.19 -22.31 -5.96
CA GLU A 172 4.99 -22.95 -5.46
C GLU A 172 4.22 -22.07 -4.48
N ASN A 173 4.81 -20.96 -4.02
CA ASN A 173 4.10 -20.05 -3.13
C ASN A 173 3.03 -19.27 -3.91
N LEU A 174 3.38 -18.78 -5.10
CA LEU A 174 2.52 -17.88 -5.86
C LEU A 174 1.71 -18.67 -6.88
N LEU A 175 0.39 -18.64 -6.73
CA LEU A 175 -0.52 -19.33 -7.64
C LEU A 175 -1.73 -18.45 -7.92
N HIS A 176 -2.28 -18.59 -9.13
CA HIS A 176 -3.45 -17.83 -9.58
C HIS A 176 -4.68 -18.72 -9.59
N PRO A 177 -5.84 -18.20 -9.17
CA PRO A 177 -7.05 -19.03 -9.15
C PRO A 177 -7.81 -19.01 -10.46
N VAL A 178 -8.05 -20.20 -11.02
CA VAL A 178 -8.91 -20.38 -12.18
C VAL A 178 -9.89 -21.50 -11.85
N VAL A 179 -11.18 -21.23 -12.00
CA VAL A 179 -12.23 -22.18 -11.69
C VAL A 179 -12.68 -22.80 -13.01
N GLU A 180 -12.04 -23.91 -13.38
CA GLU A 180 -12.42 -24.70 -14.53
C GLU A 180 -12.99 -26.01 -14.06
N ASN A 181 -14.00 -26.51 -14.78
CA ASN A 181 -14.69 -27.76 -14.45
C ASN A 181 -15.41 -27.68 -13.11
N GLY A 182 -15.89 -26.49 -12.75
CA GLY A 182 -16.69 -26.30 -11.56
C GLY A 182 -15.96 -26.41 -10.24
N LYS A 183 -14.66 -26.67 -10.25
CA LYS A 183 -13.89 -26.83 -9.03
C LYS A 183 -12.73 -25.83 -9.01
N LEU A 184 -12.22 -25.58 -7.81
CA LEU A 184 -11.18 -24.57 -7.61
C LEU A 184 -9.83 -25.11 -8.04
N GLU A 185 -9.22 -24.48 -9.04
CA GLU A 185 -7.89 -24.83 -9.52
C GLU A 185 -6.96 -23.65 -9.32
N LEU A 186 -5.93 -23.83 -8.50
CA LEU A 186 -4.92 -22.80 -8.24
C LEU A 186 -3.71 -23.14 -9.11
N LYS A 187 -3.68 -22.58 -10.31
CA LYS A 187 -2.62 -22.85 -11.27
C LYS A 187 -1.63 -21.69 -11.32
N HIS A 188 -0.45 -21.96 -11.87
CA HIS A 188 0.57 -20.94 -12.01
C HIS A 188 0.08 -19.85 -12.97
N PRO A 189 0.53 -18.60 -12.76
CA PRO A 189 0.14 -17.54 -13.71
C PRO A 189 0.73 -17.74 -15.10
N LYS A 190 1.85 -18.44 -15.14
CA LYS A 190 2.52 -18.61 -16.43
C LYS A 190 1.51 -19.29 -17.35
N GLU A 191 0.72 -20.22 -16.81
CA GLU A 191 -0.19 -20.99 -17.71
C GLU A 191 -1.67 -20.58 -17.63
N ALA A 192 -2.27 -20.47 -16.45
CA ALA A 192 -3.73 -20.28 -16.48
C ALA A 192 -4.12 -18.83 -16.74
N TYR A 193 -3.87 -18.33 -17.95
CA TYR A 193 -4.24 -16.95 -18.24
C TYR A 193 -5.04 -16.92 -19.54
N ASN A 194 -5.80 -15.84 -19.72
CA ASN A 194 -6.60 -15.63 -20.92
C ASN A 194 -5.76 -15.00 -22.01
N PRO A 195 -5.82 -15.51 -23.24
CA PRO A 195 -4.98 -14.96 -24.31
C PRO A 195 -5.50 -13.65 -24.88
N ASP A 196 -6.83 -13.48 -24.89
CA ASP A 196 -7.43 -12.29 -25.48
C ASP A 196 -7.12 -11.02 -24.70
N ASN A 197 -6.77 -11.14 -23.43
CA ASN A 197 -6.43 -9.98 -22.63
C ASN A 197 -5.08 -9.41 -23.06
N LYS A 198 -5.03 -8.08 -23.17
CA LYS A 198 -3.81 -7.37 -23.53
C LYS A 198 -3.23 -6.65 -22.31
N PRO A 199 -1.93 -6.40 -22.29
CA PRO A 199 -1.29 -5.90 -21.06
C PRO A 199 -1.75 -4.49 -20.70
N LYS A 200 -1.45 -4.13 -19.47
CA LYS A 200 -1.77 -2.81 -18.90
C LYS A 200 -0.46 -2.16 -18.49
N VAL A 201 -0.06 -1.12 -19.22
CA VAL A 201 1.22 -0.46 -19.01
C VAL A 201 0.99 0.93 -18.45
N ASN A 202 1.85 1.35 -17.52
CA ASN A 202 1.78 2.66 -16.89
C ASN A 202 3.12 3.37 -17.03
N TRP A 203 3.07 4.67 -17.29
CA TRP A 203 4.26 5.50 -17.41
C TRP A 203 4.58 6.16 -16.08
N ILE A 204 5.83 6.08 -15.66
CA ILE A 204 6.29 6.67 -14.40
C ILE A 204 7.49 7.56 -14.71
N ILE A 205 7.37 8.85 -14.42
CA ILE A 205 8.44 9.82 -14.61
C ILE A 205 8.89 10.27 -13.22
N GLU A 206 10.09 9.86 -12.83
CA GLU A 206 10.63 10.15 -11.52
C GLU A 206 11.89 10.99 -11.62
N PHE A 207 12.17 11.74 -10.57
CA PHE A 207 13.24 12.73 -10.56
C PHE A 207 13.54 13.11 -9.13
N SER A 208 14.77 13.60 -8.91
CA SER A 208 15.21 14.00 -7.59
C SER A 208 16.16 15.20 -7.72
N LYS A 209 16.55 15.74 -6.57
CA LYS A 209 17.42 16.91 -6.47
C LYS A 209 16.83 18.16 -7.13
N GLY A 210 15.68 18.02 -7.78
CA GLY A 210 15.01 19.16 -8.37
C GLY A 210 15.77 19.89 -9.45
N LEU A 211 16.39 19.14 -10.37
CA LEU A 211 16.98 19.76 -11.55
C LEU A 211 15.93 20.58 -12.28
N GLU A 212 16.14 21.89 -12.32
CA GLU A 212 15.15 22.85 -12.77
C GLU A 212 15.38 23.22 -14.23
N VAL A 213 14.27 23.48 -14.92
CA VAL A 213 14.26 24.11 -16.24
C VAL A 213 13.11 25.10 -16.25
N LYS A 214 13.39 26.34 -16.62
CA LYS A 214 12.37 27.37 -16.69
C LYS A 214 11.80 27.44 -18.10
N PHE A 215 10.48 27.48 -18.21
CA PHE A 215 9.79 27.50 -19.50
C PHE A 215 8.90 28.73 -19.57
N ALA A 216 9.16 29.59 -20.55
CA ALA A 216 8.38 30.80 -20.78
C ALA A 216 8.28 31.67 -19.53
N ILE A 220 11.33 27.43 -9.09
CA ILE A 220 11.14 26.72 -10.34
C ILE A 220 11.89 25.39 -10.30
N VAL A 221 12.48 25.09 -9.15
CA VAL A 221 13.20 23.84 -8.93
C VAL A 221 12.35 22.93 -8.05
N VAL A 222 12.35 21.65 -8.37
CA VAL A 222 11.58 20.69 -7.56
C VAL A 222 12.22 20.58 -6.18
N PRO A 223 11.45 20.73 -5.11
CA PRO A 223 12.03 20.70 -3.76
C PRO A 223 12.69 19.37 -3.43
N ARG A 224 11.90 18.30 -3.41
CA ARG A 224 12.38 16.98 -3.07
C ARG A 224 12.11 16.01 -4.23
N ASP A 225 12.62 14.78 -4.06
CA ASP A 225 12.40 13.75 -5.05
C ASP A 225 10.91 13.48 -5.23
N ASN A 226 10.50 13.29 -6.47
CA ASN A 226 9.08 13.10 -6.76
C ASN A 226 8.89 12.29 -8.03
N ARG A 227 7.82 11.48 -8.15
CA ARG A 227 7.51 10.68 -9.35
C ARG A 227 6.07 10.92 -9.74
N LEU A 228 5.78 10.94 -11.04
CA LEU A 228 4.48 11.14 -11.66
C LEU A 228 4.08 9.85 -12.34
N ILE A 229 2.87 9.37 -12.06
CA ILE A 229 2.37 8.11 -12.58
C ILE A 229 1.21 8.40 -13.52
N VAL A 230 1.34 7.97 -14.77
CA VAL A 230 0.27 8.07 -15.76
C VAL A 230 -0.27 6.66 -15.95
N SER A 231 -1.44 6.39 -15.37
CA SER A 231 -2.01 5.05 -15.32
C SER A 231 -3.03 4.86 -16.43
N SER A 232 -2.89 3.77 -17.18
CA SER A 232 -3.88 3.42 -18.19
C SER A 232 -5.07 2.74 -17.52
N ARG A 233 -6.28 3.19 -17.85
CA ARG A 233 -7.51 2.60 -17.34
C ARG A 233 -8.45 2.34 -18.51
N PRO A 234 -8.14 1.34 -19.33
CA PRO A 234 -8.96 1.06 -20.51
C PRO A 234 -10.33 0.55 -20.10
N PRO A 235 -11.33 0.68 -20.97
CA PRO A 235 -12.70 0.28 -20.58
C PRO A 235 -12.87 -1.20 -20.29
N TRP A 236 -11.95 -2.06 -20.73
CA TRP A 236 -12.15 -3.49 -20.52
C TRP A 236 -11.75 -3.95 -19.13
N ILE A 237 -10.89 -3.23 -18.44
CA ILE A 237 -10.50 -3.63 -17.09
C ILE A 237 -11.59 -3.25 -16.11
N ARG A 238 -11.97 -4.19 -15.24
CA ARG A 238 -13.01 -3.98 -14.25
C ARG A 238 -12.57 -4.60 -12.94
N ILE A 239 -12.84 -3.90 -11.83
CA ILE A 239 -12.61 -4.48 -10.52
C ILE A 239 -13.73 -5.46 -10.24
N ASP A 240 -13.57 -6.70 -10.70
CA ASP A 240 -14.61 -7.70 -10.64
C ASP A 240 -13.96 -9.07 -10.76
N MET A 241 -14.78 -10.11 -10.54
CA MET A 241 -14.30 -11.48 -10.65
C MET A 241 -15.40 -12.34 -11.26
N SER A 242 -15.00 -13.46 -11.83
CA SER A 242 -15.94 -14.36 -12.48
C SER A 242 -16.93 -14.92 -11.46
N GLU A 243 -18.13 -15.25 -11.93
CA GLU A 243 -19.17 -15.74 -11.03
C GLU A 243 -18.75 -17.05 -10.37
N GLU A 244 -18.02 -17.90 -11.09
CA GLU A 244 -17.55 -19.15 -10.50
C GLU A 244 -16.52 -18.90 -9.41
N LEU A 245 -15.53 -18.03 -9.69
CA LEU A 245 -14.55 -17.69 -8.66
C LEU A 245 -15.20 -16.94 -7.51
N TYR A 246 -16.28 -16.21 -7.78
CA TYR A 246 -17.04 -15.57 -6.70
C TYR A 246 -17.72 -16.61 -5.83
N GLU A 247 -18.04 -17.77 -6.38
CA GLU A 247 -18.68 -18.82 -5.60
C GLU A 247 -17.69 -19.57 -4.73
N HIS A 248 -16.49 -19.82 -5.24
CA HIS A 248 -15.46 -20.55 -4.51
C HIS A 248 -14.65 -19.66 -3.58
N LEU A 249 -15.13 -18.46 -3.27
CA LEU A 249 -14.45 -17.61 -2.29
C LEU A 249 -14.40 -18.22 -0.90
N PRO A 250 -15.46 -18.86 -0.37
CA PRO A 250 -15.31 -19.53 0.93
C PRO A 250 -14.22 -20.59 0.95
N GLU A 251 -14.00 -21.29 -0.16
CA GLU A 251 -12.88 -22.22 -0.24
C GLU A 251 -11.55 -21.49 -0.12
N ILE A 252 -11.40 -20.37 -0.84
CA ILE A 252 -10.17 -19.60 -0.79
C ILE A 252 -9.96 -19.03 0.62
N GLY A 253 -11.04 -18.58 1.26
CA GLY A 253 -10.91 -18.05 2.60
C GLY A 253 -10.57 -19.09 3.64
N LYS A 254 -11.05 -20.32 3.45
CA LYS A 254 -10.78 -21.38 4.42
C LYS A 254 -9.33 -21.83 4.40
N ASN A 255 -8.60 -21.58 3.31
CA ASN A 255 -7.21 -21.98 3.18
C ASN A 255 -6.24 -20.82 3.33
N ILE A 256 -6.72 -19.64 3.74
CA ILE A 256 -5.89 -18.47 3.95
C ILE A 256 -6.20 -17.90 5.34
N ASP A 257 -5.34 -16.99 5.78
CA ASP A 257 -5.54 -16.28 7.04
C ASP A 257 -5.79 -14.79 6.87
N GLY A 258 -5.43 -14.21 5.73
CA GLY A 258 -5.62 -12.79 5.51
C GLY A 258 -5.82 -12.47 4.05
N ALA A 259 -6.33 -11.26 3.81
CA ALA A 259 -6.57 -10.75 2.47
C ALA A 259 -6.04 -9.33 2.36
N ILE A 260 -5.24 -9.08 1.32
CA ILE A 260 -4.67 -7.77 1.07
C ILE A 260 -5.30 -7.26 -0.23
N LEU A 261 -6.24 -6.32 -0.09
CA LEU A 261 -7.05 -5.84 -1.20
C LEU A 261 -6.70 -4.40 -1.53
N SER A 262 -6.61 -4.09 -2.82
CA SER A 262 -6.32 -2.75 -3.28
C SER A 262 -6.58 -2.68 -4.79
N GLY A 263 -6.95 -1.50 -5.25
CA GLY A 263 -7.20 -1.29 -6.67
C GLY A 263 -8.56 -0.73 -6.96
N TYR A 264 -9.30 -0.34 -5.91
CA TYR A 264 -10.66 0.13 -6.09
C TYR A 264 -10.76 1.47 -6.81
N GLN A 265 -9.63 2.15 -7.04
CA GLN A 265 -9.66 3.42 -7.75
C GLN A 265 -9.95 3.27 -9.24
N MET A 266 -10.00 2.04 -9.75
CA MET A 266 -10.37 1.80 -11.14
C MET A 266 -11.87 1.97 -11.38
N ILE A 267 -12.67 2.05 -10.33
CA ILE A 267 -14.12 2.11 -10.48
C ILE A 267 -14.51 3.50 -10.96
N LYS A 268 -15.22 3.56 -12.09
CA LYS A 268 -15.72 4.81 -12.62
C LYS A 268 -17.14 5.08 -12.12
N GLU A 269 -17.56 6.34 -12.25
CA GLU A 269 -18.93 6.70 -11.90
C GLU A 269 -19.92 6.08 -12.89
N GLU A 270 -19.74 6.36 -14.18
CA GLU A 270 -20.61 5.87 -15.23
C GLU A 270 -19.85 4.91 -16.13
N TYR A 271 -20.53 3.84 -16.54
CA TYR A 271 -19.97 2.84 -17.43
C TYR A 271 -20.72 2.84 -18.76
N GLU A 272 -20.13 2.14 -19.74
CA GLU A 272 -20.74 2.08 -21.06
C GLU A 272 -21.96 1.17 -21.06
N ASP A 273 -21.88 0.04 -20.38
CA ASP A 273 -23.00 -0.89 -20.26
C ASP A 273 -24.06 -0.45 -19.26
N GLY A 274 -24.00 0.81 -18.80
CA GLY A 274 -25.01 1.33 -17.93
C GLY A 274 -24.96 0.85 -16.49
N LYS A 275 -23.76 0.61 -15.96
CA LYS A 275 -23.60 0.16 -14.58
C LYS A 275 -22.93 1.25 -13.77
N THR A 276 -23.35 1.38 -12.51
CA THR A 276 -22.91 2.45 -11.62
C THR A 276 -21.70 2.00 -10.81
N TYR A 277 -21.02 2.98 -10.20
CA TYR A 277 -19.95 2.66 -9.25
C TYR A 277 -20.49 1.95 -8.02
N LYS A 278 -21.77 2.12 -7.70
CA LYS A 278 -22.36 1.44 -6.55
C LYS A 278 -22.34 -0.07 -6.74
N ASP A 279 -22.55 -0.55 -7.97
CA ASP A 279 -22.51 -1.98 -8.22
C ASP A 279 -21.13 -2.56 -7.93
N TYR A 280 -20.09 -1.94 -8.50
CA TYR A 280 -18.73 -2.38 -8.23
C TYR A 280 -18.37 -2.17 -6.76
N VAL A 281 -18.91 -1.12 -6.14
CA VAL A 281 -18.77 -0.96 -4.69
C VAL A 281 -19.50 -2.07 -3.96
N GLU A 282 -20.71 -2.41 -4.42
CA GLU A 282 -21.46 -3.51 -3.82
C GLU A 282 -20.73 -4.84 -4.01
N LYS A 283 -20.27 -5.11 -5.22
CA LYS A 283 -19.54 -6.35 -5.48
C LYS A 283 -18.23 -6.39 -4.69
N ALA A 284 -17.59 -5.23 -4.51
CA ALA A 284 -16.35 -5.19 -3.72
C ALA A 284 -16.60 -5.64 -2.29
N VAL A 285 -17.78 -5.31 -1.74
CA VAL A 285 -18.12 -5.75 -0.39
C VAL A 285 -18.47 -7.23 -0.38
N ASN A 286 -19.31 -7.67 -1.33
CA ASN A 286 -19.77 -9.04 -1.33
C ASN A 286 -18.63 -10.03 -1.51
N VAL A 287 -17.59 -9.64 -2.26
CA VAL A 287 -16.38 -10.46 -2.32
C VAL A 287 -15.74 -10.54 -0.94
N ILE A 288 -15.66 -9.41 -0.24
CA ILE A 288 -15.17 -9.41 1.13
C ILE A 288 -16.08 -10.27 2.02
N LYS A 289 -17.39 -10.19 1.80
CA LYS A 289 -18.34 -10.95 2.60
C LYS A 289 -18.13 -12.45 2.43
N ARG A 290 -18.05 -12.92 1.18
CA ARG A 290 -17.96 -14.35 0.93
C ARG A 290 -16.62 -14.93 1.39
N LEU A 291 -15.57 -14.11 1.46
CA LEU A 291 -14.31 -14.57 2.04
C LEU A 291 -14.48 -14.87 3.52
N LYS A 292 -15.24 -14.05 4.23
CA LYS A 292 -15.50 -14.29 5.65
C LYS A 292 -16.44 -15.47 5.87
N GLU A 293 -17.24 -15.83 4.87
CA GLU A 293 -18.15 -16.96 5.03
C GLU A 293 -17.43 -18.30 5.02
N GLY A 294 -16.23 -18.36 4.45
CA GLY A 294 -15.39 -19.54 4.54
C GLY A 294 -14.42 -19.53 5.70
N ASN A 295 -14.25 -18.38 6.34
CA ASN A 295 -13.36 -18.25 7.49
C ASN A 295 -13.95 -17.10 8.31
N PRO A 296 -14.19 -17.31 9.61
CA PRO A 296 -14.72 -16.21 10.42
C PRO A 296 -13.56 -15.35 10.90
N ASP A 297 -12.42 -15.96 11.22
CA ASP A 297 -11.30 -15.26 11.82
C ASP A 297 -10.31 -14.70 10.81
N ILE A 298 -10.76 -14.45 9.57
CA ILE A 298 -9.86 -13.90 8.55
C ILE A 298 -9.78 -12.39 8.72
N ARG A 299 -8.56 -11.86 8.73
CA ARG A 299 -8.34 -10.43 8.75
C ARG A 299 -8.19 -9.92 7.32
N ILE A 300 -8.71 -8.72 7.07
CA ILE A 300 -8.74 -8.15 5.73
C ILE A 300 -8.09 -6.78 5.76
N HIS A 301 -7.04 -6.60 4.96
CA HIS A 301 -6.32 -5.34 4.84
C HIS A 301 -6.66 -4.67 3.52
N VAL A 302 -6.71 -3.34 3.54
CA VAL A 302 -6.89 -2.54 2.33
C VAL A 302 -5.76 -1.53 2.28
N GLU A 303 -4.99 -1.54 1.19
CA GLU A 303 -3.90 -0.59 0.99
C GLU A 303 -4.44 0.58 0.17
N PHE A 304 -4.75 1.67 0.86
CA PHE A 304 -5.34 2.83 0.21
C PHE A 304 -4.32 3.48 -0.74
N THR A 305 -4.83 4.33 -1.62
CA THR A 305 -3.99 5.01 -2.58
C THR A 305 -4.62 6.36 -2.92
N SER A 306 -3.82 7.23 -3.54
CA SER A 306 -4.31 8.54 -3.94
C SER A 306 -5.41 8.39 -4.99
N ILE A 307 -6.56 8.97 -4.71
CA ILE A 307 -7.74 8.84 -5.57
C ILE A 307 -8.22 10.24 -5.93
N GLN A 308 -8.18 10.57 -7.22
CA GLN A 308 -8.59 11.90 -7.67
C GLN A 308 -10.06 12.15 -7.39
N ASN A 309 -10.93 11.24 -7.84
CA ASN A 309 -12.36 11.38 -7.64
C ASN A 309 -12.69 11.26 -6.15
N LYS A 310 -13.16 12.35 -5.55
CA LYS A 310 -13.52 12.31 -4.14
C LYS A 310 -14.79 11.51 -3.90
N LEU A 311 -15.71 11.50 -4.86
CA LEU A 311 -16.94 10.72 -4.70
C LEU A 311 -16.64 9.23 -4.70
N ILE A 312 -15.75 8.78 -5.58
CA ILE A 312 -15.31 7.39 -5.51
C ILE A 312 -14.48 7.16 -4.26
N ARG A 313 -13.63 8.13 -3.90
CA ARG A 313 -12.81 7.99 -2.69
C ARG A 313 -13.68 7.87 -1.45
N LYS A 314 -14.74 8.68 -1.36
CA LYS A 314 -15.63 8.60 -0.20
C LYS A 314 -16.43 7.30 -0.21
N ALA A 315 -16.95 6.92 -1.39
CA ALA A 315 -17.69 5.66 -1.49
C ALA A 315 -16.82 4.47 -1.10
N ILE A 316 -15.52 4.54 -1.40
CA ILE A 316 -14.62 3.48 -0.98
C ILE A 316 -14.46 3.47 0.53
N LEU A 317 -14.10 4.62 1.11
CA LEU A 317 -13.83 4.68 2.54
C LEU A 317 -15.09 4.43 3.37
N LYS A 318 -16.26 4.79 2.86
CA LYS A 318 -17.50 4.69 3.63
C LYS A 318 -18.27 3.40 3.39
N ASP A 319 -18.34 2.94 2.13
CA ASP A 319 -19.20 1.80 1.82
C ASP A 319 -18.50 0.46 1.90
N ILE A 320 -17.19 0.41 1.64
CA ILE A 320 -16.49 -0.87 1.57
C ILE A 320 -15.36 -1.00 2.59
N VAL A 321 -14.88 0.09 3.18
CA VAL A 321 -13.81 0.00 4.17
C VAL A 321 -14.33 0.24 5.59
N ARG A 322 -15.47 0.90 5.75
CA ARG A 322 -15.88 1.38 7.07
C ARG A 322 -16.07 0.22 8.06
N LYS A 323 -16.81 -0.81 7.66
CA LYS A 323 -17.19 -1.86 8.58
C LYS A 323 -16.68 -3.24 8.19
N HIS A 324 -16.47 -3.52 6.91
CA HIS A 324 -16.04 -4.84 6.48
C HIS A 324 -14.54 -5.02 6.47
N VAL A 325 -13.77 -3.98 6.80
CA VAL A 325 -12.32 -4.00 6.74
C VAL A 325 -11.75 -3.68 8.11
N HIS A 326 -10.68 -4.38 8.49
CA HIS A 326 -10.00 -4.16 9.75
C HIS A 326 -8.76 -3.29 9.61
N SER A 327 -7.94 -3.52 8.58
CA SER A 327 -6.65 -2.89 8.44
C SER A 327 -6.62 -1.94 7.24
N LEU A 328 -5.87 -0.86 7.39
CA LEU A 328 -5.75 0.16 6.34
C LEU A 328 -4.32 0.66 6.30
N GLY A 329 -3.77 0.77 5.09
CA GLY A 329 -2.43 1.30 4.88
C GLY A 329 -2.50 2.65 4.16
N LEU A 330 -1.66 3.58 4.59
CA LEU A 330 -1.70 4.95 4.07
C LEU A 330 -0.31 5.56 4.12
N ASP A 331 -0.23 6.75 3.56
CA ASP A 331 0.94 7.64 3.59
C ASP A 331 0.43 9.03 3.97
N THR A 332 1.32 9.93 4.32
CA THR A 332 0.93 11.20 4.91
C THR A 332 -0.07 11.95 4.02
N VAL A 333 0.08 11.84 2.71
CA VAL A 333 -0.79 12.58 1.79
C VAL A 333 -2.17 11.95 1.71
N GLU A 334 -2.26 10.61 1.80
CA GLU A 334 -3.57 9.96 1.67
C GLU A 334 -4.42 10.13 2.93
N VAL A 335 -3.78 10.32 4.09
CA VAL A 335 -4.54 10.62 5.30
C VAL A 335 -5.32 11.91 5.11
N ALA A 336 -4.67 12.93 4.56
CA ALA A 336 -5.39 14.16 4.22
C ALA A 336 -6.47 13.89 3.17
N ASN A 337 -6.16 13.04 2.18
CA ASN A 337 -7.17 12.66 1.20
C ASN A 337 -8.37 12.00 1.88
N ALA A 338 -8.11 11.12 2.85
CA ALA A 338 -9.20 10.45 3.55
C ALA A 338 -10.01 11.43 4.38
N LEU A 339 -9.36 12.41 5.00
CA LEU A 339 -10.08 13.38 5.81
C LEU A 339 -10.91 14.32 4.95
N ASN A 340 -10.47 14.61 3.72
CA ASN A 340 -11.17 15.54 2.85
C ASN A 340 -12.53 15.02 2.40
N VAL A 341 -12.80 13.73 2.57
CA VAL A 341 -14.10 13.17 2.21
C VAL A 341 -14.93 12.77 3.43
N LEU A 342 -14.30 12.58 4.59
CA LEU A 342 -15.04 12.23 5.81
C LEU A 342 -15.50 13.46 6.58
N GLY A 343 -15.02 14.66 6.23
CA GLY A 343 -15.51 15.88 6.82
C GLY A 343 -14.53 16.66 7.69
N TYR A 344 -13.24 16.34 7.63
CA TYR A 344 -12.22 16.99 8.46
C TYR A 344 -11.16 17.60 7.53
N GLU A 345 -11.52 18.71 6.88
CA GLU A 345 -10.58 19.36 5.97
C GLU A 345 -9.60 20.26 6.72
N GLU A 346 -10.07 20.90 7.79
CA GLU A 346 -9.18 21.75 8.59
C GLU A 346 -7.98 20.96 9.08
N LEU A 347 -8.21 19.71 9.52
CA LEU A 347 -7.09 18.84 9.88
C LEU A 347 -6.36 18.34 8.64
N ALA A 348 -7.09 18.13 7.53
CA ALA A 348 -6.44 17.67 6.31
C ALA A 348 -5.48 18.72 5.77
N TYR A 349 -5.89 19.99 5.80
CA TYR A 349 -4.98 21.07 5.41
C TYR A 349 -3.80 21.16 6.36
N SER A 350 -4.03 20.87 7.64
CA SER A 350 -2.93 20.87 8.61
C SER A 350 -1.94 19.75 8.35
N VAL A 351 -2.40 18.64 7.78
CA VAL A 351 -1.50 17.54 7.44
C VAL A 351 -0.68 17.89 6.21
N ILE A 352 -1.32 18.44 5.18
CA ILE A 352 -0.61 18.80 3.95
C ILE A 352 0.22 20.06 4.13
N LYS A 353 -0.01 20.83 5.19
CA LYS A 353 0.77 22.03 5.45
C LYS A 353 2.22 21.66 5.78
N LYS A 354 3.06 22.69 5.90
CA LYS A 354 4.49 22.48 6.11
C LYS A 354 4.96 22.87 7.50
N ASP A 355 4.09 23.36 8.37
CA ASP A 355 4.53 23.83 9.68
C ASP A 355 4.96 22.64 10.55
N GLU A 356 5.51 22.98 11.71
CA GLU A 356 6.06 21.97 12.62
C GLU A 356 4.97 21.11 13.25
N ASN A 357 3.77 21.66 13.41
CA ASN A 357 2.65 20.93 13.99
C ASN A 357 1.89 20.11 12.94
N ALA A 358 2.49 19.86 11.78
CA ALA A 358 1.83 19.01 10.79
C ALA A 358 1.85 17.55 11.23
N ILE A 359 2.93 17.13 11.89
CA ILE A 359 3.04 15.74 12.32
C ILE A 359 2.02 15.41 13.42
N VAL A 360 1.78 16.36 14.33
CA VAL A 360 0.76 16.14 15.36
C VAL A 360 -0.64 16.16 14.73
N ALA A 361 -0.79 16.79 13.56
CA ALA A 361 -2.05 16.69 12.83
C ALA A 361 -2.15 15.32 12.17
N LEU A 362 -1.03 14.83 11.63
CA LEU A 362 -1.00 13.48 11.08
C LEU A 362 -1.33 12.46 12.15
N TYR A 363 -0.88 12.69 13.39
CA TYR A 363 -1.26 11.83 14.49
C TYR A 363 -2.77 11.86 14.71
N GLU A 364 -3.34 13.06 14.86
CA GLU A 364 -4.78 13.18 15.04
C GLU A 364 -5.54 12.66 13.83
N GLY A 365 -4.98 12.83 12.64
CA GLY A 365 -5.63 12.31 11.45
C GLY A 365 -5.75 10.79 11.46
N ALA A 366 -4.70 10.11 11.93
CA ALA A 366 -4.74 8.65 11.99
C ALA A 366 -5.75 8.18 13.03
N VAL A 367 -5.87 8.89 14.15
CA VAL A 367 -6.80 8.51 15.20
C VAL A 367 -8.24 8.62 14.70
N ILE A 368 -8.54 9.69 13.96
CA ILE A 368 -9.90 9.88 13.47
C ILE A 368 -10.24 8.79 12.44
N LEU A 369 -9.28 8.45 11.58
CA LEU A 369 -9.52 7.39 10.60
C LEU A 369 -9.78 6.05 11.29
N LEU A 370 -9.19 5.83 12.48
CA LEU A 370 -9.39 4.59 13.19
C LEU A 370 -10.78 4.52 13.82
N HIS A 371 -11.37 5.66 14.16
CA HIS A 371 -12.68 5.70 14.80
C HIS A 371 -13.82 6.02 13.85
N GLU A 372 -13.62 6.97 12.93
CA GLU A 372 -14.63 7.25 11.92
C GLU A 372 -14.92 6.00 11.10
N LEU A 373 -13.90 5.50 10.40
CA LEU A 373 -13.94 4.15 9.87
C LEU A 373 -13.77 3.16 11.01
N LYS A 374 -14.67 2.20 11.13
CA LYS A 374 -14.59 1.30 12.30
C LYS A 374 -13.52 0.30 11.93
N LEU A 375 -12.28 0.73 12.10
CA LEU A 375 -11.07 -0.02 11.79
C LEU A 375 -10.44 -0.52 13.08
N GLU A 376 -9.81 -1.69 13.00
CA GLU A 376 -9.04 -2.23 14.10
C GLU A 376 -7.57 -1.89 14.01
N ARG A 377 -7.11 -1.40 12.87
CA ARG A 377 -5.70 -1.00 12.71
C ARG A 377 -5.57 0.05 11.62
N VAL A 378 -4.72 1.05 11.79
CA VAL A 378 -4.40 2.07 10.80
C VAL A 378 -2.89 2.21 10.75
N HIS A 379 -2.28 1.83 9.63
CA HIS A 379 -0.84 1.87 9.45
C HIS A 379 -0.50 3.00 8.47
N VAL A 380 0.00 4.11 9.00
CA VAL A 380 0.46 5.24 8.21
C VAL A 380 1.98 5.22 8.19
N HIS A 381 2.52 5.29 6.99
CA HIS A 381 3.97 5.24 6.85
C HIS A 381 4.52 6.53 6.28
N SER A 382 5.54 7.08 6.93
CA SER A 382 6.17 8.33 6.49
C SER A 382 7.64 8.09 6.16
N LEU A 383 8.37 9.12 5.79
CA LEU A 383 9.77 8.85 5.38
C LEU A 383 10.66 8.39 6.53
N GLY A 384 10.65 9.08 7.65
CA GLY A 384 11.50 8.73 8.76
C GLY A 384 10.87 7.93 9.87
N TYR A 385 9.57 7.60 9.78
CA TYR A 385 8.89 6.97 10.89
C TYR A 385 7.60 6.33 10.40
N TYR A 386 7.06 5.43 11.23
CA TYR A 386 5.73 4.88 11.03
C TYR A 386 4.84 5.25 12.21
N ILE A 387 3.54 5.35 11.95
CA ILE A 387 2.55 5.62 12.98
C ILE A 387 1.41 4.63 12.78
N CYS A 388 1.23 3.71 13.71
CA CYS A 388 0.17 2.72 13.66
C CYS A 388 -0.70 2.86 14.90
N VAL A 389 -1.93 3.30 14.72
CA VAL A 389 -2.93 3.32 15.78
C VAL A 389 -3.79 2.08 15.65
N VAL A 390 -4.09 1.45 16.79
CA VAL A 390 -4.75 0.15 16.80
C VAL A 390 -5.84 0.16 17.85
N SER A 391 -6.93 -0.55 17.56
CA SER A 391 -8.05 -0.61 18.49
C SER A 391 -7.70 -1.53 19.67
N LYS A 392 -8.45 -1.36 20.76
CA LYS A 392 -8.26 -2.21 21.92
C LYS A 392 -8.86 -3.60 21.72
N ASP A 393 -9.66 -3.79 20.66
CA ASP A 393 -10.13 -5.12 20.27
C ASP A 393 -9.05 -5.92 19.56
N SER A 394 -7.84 -5.39 19.43
CA SER A 394 -6.84 -5.97 18.54
C SER A 394 -6.46 -7.37 19.02
N PRO A 395 -6.41 -8.37 18.14
CA PRO A 395 -6.07 -9.72 18.59
C PRO A 395 -4.57 -9.90 18.76
N VAL A 396 -3.85 -8.78 18.76
CA VAL A 396 -2.40 -8.77 18.87
C VAL A 396 -2.00 -7.64 19.83
N SER A 397 -1.13 -7.95 20.78
CA SER A 397 -0.75 -7.00 21.80
C SER A 397 0.09 -5.86 21.21
N PRO A 398 0.10 -4.70 21.87
CA PRO A 398 0.97 -3.61 21.40
C PRO A 398 2.44 -3.99 21.35
N GLU A 399 2.88 -4.90 22.21
CA GLU A 399 4.26 -5.37 22.16
C GLU A 399 4.55 -6.08 20.84
N ASP A 400 3.61 -6.88 20.36
CA ASP A 400 3.79 -7.56 19.08
C ASP A 400 3.48 -6.65 17.89
N HIS A 401 2.73 -5.57 18.10
CA HIS A 401 2.54 -4.59 17.02
C HIS A 401 3.83 -3.86 16.70
N ARG A 402 4.70 -3.67 17.68
CA ARG A 402 5.95 -2.97 17.43
C ARG A 402 6.90 -3.80 16.58
N LYS A 403 7.01 -5.10 16.88
CA LYS A 403 7.89 -5.97 16.09
C LYS A 403 7.47 -6.01 14.63
N SER A 404 6.17 -5.93 14.35
CA SER A 404 5.71 -5.93 12.96
C SER A 404 6.18 -4.68 12.23
N LEU A 405 6.13 -3.52 12.89
CA LEU A 405 6.60 -2.30 12.26
C LEU A 405 8.13 -2.31 12.15
N LEU A 406 8.82 -2.81 13.17
CA LEU A 406 10.27 -2.94 13.10
C LEU A 406 10.68 -3.91 12.00
N PHE A 407 9.90 -4.98 11.81
CA PHE A 407 10.16 -5.89 10.70
C PHE A 407 9.84 -5.22 9.37
N ALA A 408 8.70 -4.56 9.27
CA ALA A 408 8.34 -3.85 8.05
C ALA A 408 9.38 -2.78 7.71
N SER A 409 9.94 -2.13 8.73
CA SER A 409 11.03 -1.20 8.50
C SER A 409 12.28 -1.93 8.04
N THR A 410 12.50 -3.15 8.52
CA THR A 410 13.64 -3.94 8.06
C THR A 410 13.46 -4.39 6.62
N VAL A 411 12.23 -4.67 6.20
CA VAL A 411 11.99 -5.11 4.83
C VAL A 411 12.14 -3.94 3.86
N ALA A 412 11.68 -2.76 4.26
CA ALA A 412 11.74 -1.60 3.38
C ALA A 412 13.18 -1.20 3.07
N ALA A 413 14.07 -1.32 4.06
CA ALA A 413 15.46 -0.95 3.85
C ALA A 413 16.13 -1.90 2.87
N ALA A 414 15.93 -3.21 3.04
CA ALA A 414 16.48 -4.18 2.11
C ALA A 414 15.89 -4.00 0.71
N ARG A 415 14.62 -3.61 0.64
CA ARG A 415 14.00 -3.30 -0.64
C ARG A 415 14.72 -2.16 -1.35
N ALA A 416 15.27 -1.21 -0.59
CA ALA A 416 15.96 -0.08 -1.19
C ALA A 416 17.35 -0.47 -1.69
N LEU A 417 18.11 -1.20 -0.87
CA LEU A 417 19.45 -1.64 -1.23
C LEU A 417 19.41 -2.61 -2.41
N LEU A 418 18.84 -3.79 -2.21
CA LEU A 418 18.69 -4.75 -3.29
C LEU A 418 17.62 -4.28 -4.26
N GLY A 419 17.82 -4.59 -5.55
CA GLY A 419 16.82 -4.26 -6.54
C GLY A 419 15.45 -4.79 -6.16
N ASN A 420 15.40 -6.04 -5.72
CA ASN A 420 14.22 -6.59 -5.05
C ASN A 420 14.69 -7.70 -4.11
N ILE A 421 13.77 -8.21 -3.31
CA ILE A 421 14.06 -9.26 -2.34
C ILE A 421 13.75 -10.61 -2.97
N ASN A 422 14.64 -11.58 -2.76
CA ASN A 422 14.49 -12.91 -3.33
C ASN A 422 14.33 -14.01 -2.29
N SER A 423 14.56 -13.74 -1.01
CA SER A 423 14.44 -14.75 0.02
C SER A 423 14.12 -14.08 1.35
N LEU A 424 13.64 -14.90 2.29
CA LEU A 424 13.40 -14.39 3.64
C LEU A 424 14.69 -13.95 4.31
N ASP A 425 15.81 -14.59 3.96
CA ASP A 425 17.10 -14.19 4.50
C ASP A 425 17.62 -12.90 3.89
N ASP A 426 17.12 -12.50 2.72
CA ASP A 426 17.54 -11.25 2.12
C ASP A 426 17.12 -10.06 2.97
N ILE A 427 15.99 -10.17 3.66
CA ILE A 427 15.53 -9.08 4.53
C ILE A 427 16.54 -8.81 5.64
N GLU A 428 17.30 -9.84 6.04
CA GLU A 428 18.28 -9.68 7.10
C GLU A 428 19.31 -8.59 6.77
N ALA A 429 19.53 -8.34 5.48
CA ALA A 429 20.46 -7.29 5.07
C ALA A 429 19.97 -5.92 5.49
N GLY A 430 18.66 -5.73 5.62
CA GLY A 430 18.09 -4.45 5.96
C GLY A 430 18.45 -3.94 7.34
N LEU A 431 19.04 -4.78 8.19
CA LEU A 431 19.42 -4.37 9.53
C LEU A 431 20.69 -3.53 9.55
N ASP A 432 21.44 -3.47 8.45
CA ASP A 432 22.66 -2.68 8.41
C ASP A 432 22.41 -1.20 8.11
N VAL A 433 21.25 -0.87 7.55
CA VAL A 433 20.92 0.54 7.29
C VAL A 433 20.73 1.26 8.62
N PRO A 434 21.35 2.42 8.83
CA PRO A 434 21.21 3.10 10.11
C PRO A 434 19.82 3.72 10.26
N VAL A 435 19.40 3.86 11.51
CA VAL A 435 18.13 4.51 11.81
C VAL A 435 18.24 5.99 11.45
N SER A 436 17.28 6.48 10.67
CA SER A 436 17.32 7.87 10.22
C SER A 436 17.15 8.81 11.40
N GLU A 437 18.19 9.61 11.68
CA GLU A 437 18.09 10.59 12.75
C GLU A 437 17.04 11.64 12.48
N GLN A 438 16.84 11.98 11.20
CA GLN A 438 15.76 12.90 10.84
C GLN A 438 14.42 12.36 11.27
N GLY A 439 14.23 11.04 11.14
CA GLY A 439 13.00 10.43 11.62
C GLY A 439 12.89 10.46 13.14
N TYR A 440 14.02 10.30 13.83
CA TYR A 440 14.00 10.38 15.29
C TYR A 440 13.72 11.79 15.77
N ASN A 441 14.18 12.80 15.03
CA ASN A 441 13.94 14.19 15.41
C ASN A 441 12.54 14.66 15.01
N GLN A 442 11.95 14.07 13.97
CA GLN A 442 10.57 14.38 13.63
C GLN A 442 9.63 13.95 14.75
N LEU A 443 9.89 12.80 15.37
CA LEU A 443 9.08 12.33 16.47
C LEU A 443 9.22 13.21 17.71
N GLU A 444 10.33 13.94 17.83
CA GLU A 444 10.52 14.81 18.99
C GLU A 444 9.45 15.89 19.06
N LYS A 445 9.08 16.45 17.89
CA LYS A 445 7.99 17.41 17.86
C LYS A 445 6.68 16.77 18.33
N LEU A 446 6.46 15.51 17.96
CA LEU A 446 5.25 14.81 18.40
C LEU A 446 5.37 14.39 19.86
N GLU A 447 6.58 14.02 20.29
CA GLU A 447 6.77 13.60 21.67
C GLU A 447 6.51 14.74 22.65
N LYS A 448 7.09 15.91 22.37
CA LYS A 448 6.87 17.07 23.23
C LYS A 448 5.40 17.49 23.25
N TYR A 449 4.67 17.24 22.15
CA TYR A 449 3.26 17.58 22.13
C TYR A 449 2.43 16.59 22.93
N LEU A 450 2.84 15.32 22.97
CA LEU A 450 2.04 14.30 23.65
C LEU A 450 2.29 14.30 25.15
N VAL A 451 3.55 14.45 25.57
CA VAL A 451 3.83 14.47 27.00
C VAL A 451 3.36 15.76 27.66
N ARG A 452 3.23 16.84 26.89
CA ARG A 452 2.66 18.07 27.42
C ARG A 452 1.14 18.03 27.43
N ARG A 453 0.54 17.34 26.45
CA ARG A 453 -0.91 17.16 26.45
C ARG A 453 -1.36 16.25 27.58
N GLY A 454 -0.50 15.34 28.03
CA GLY A 454 -0.84 14.41 29.08
C GLY A 454 -1.36 13.07 28.60
N ILE A 455 -1.01 12.66 27.38
CA ILE A 455 -1.53 11.43 26.80
C ILE A 455 -0.65 10.23 27.15
N CYS A 456 0.67 10.40 27.09
CA CYS A 456 1.59 9.29 27.30
C CYS A 456 2.72 9.72 28.22
N THR A 457 3.47 8.73 28.70
CA THR A 457 4.64 8.96 29.53
C THR A 457 5.87 9.14 28.66
N LEU A 458 6.81 9.97 29.14
CA LEU A 458 8.11 10.11 28.47
C LEU A 458 8.76 8.75 28.27
N GLU A 459 8.61 7.84 29.25
CA GLU A 459 9.10 6.48 29.09
C GLU A 459 8.33 5.75 27.99
N ASP A 460 7.01 5.95 27.93
CA ASP A 460 6.19 5.23 26.96
C ASP A 460 6.57 5.61 25.53
N PHE A 461 6.90 6.89 25.29
CA PHE A 461 7.21 7.32 23.94
C PHE A 461 8.61 6.85 23.52
N GLU A 462 9.58 6.91 24.43
CA GLU A 462 10.92 6.43 24.12
C GLU A 462 10.97 4.93 23.85
N ASN A 463 9.94 4.20 24.26
CA ASN A 463 9.85 2.78 23.95
C ASN A 463 8.96 2.48 22.75
N GLY A 464 8.01 3.37 22.44
CA GLY A 464 7.15 3.18 21.30
C GLY A 464 5.84 2.49 21.57
N CYS A 465 5.27 2.65 22.76
CA CYS A 465 3.99 2.05 23.12
C CYS A 465 3.19 3.04 23.95
N ILE A 466 2.18 3.65 23.34
CA ILE A 466 1.29 4.60 23.99
C ILE A 466 -0.06 3.93 24.19
N CYS A 467 -0.58 3.98 25.41
CA CYS A 467 -1.86 3.38 25.75
C CYS A 467 -2.83 4.46 26.22
N THR A 468 -3.71 4.88 25.33
CA THR A 468 -4.75 5.85 25.65
C THR A 468 -6.00 5.14 26.14
N PRO A 469 -6.96 5.86 26.72
CA PRO A 469 -8.17 5.19 27.24
C PRO A 469 -8.98 4.46 26.18
N ASN A 470 -8.95 4.89 24.92
CA ASN A 470 -9.81 4.31 23.89
C ASN A 470 -9.05 3.69 22.72
N HIS A 471 -7.74 3.90 22.62
CA HIS A 471 -6.96 3.33 21.52
C HIS A 471 -5.50 3.26 21.94
N ASP A 472 -4.70 2.62 21.10
CA ASP A 472 -3.27 2.51 21.33
C ASP A 472 -2.52 2.91 20.06
N VAL A 473 -1.33 3.46 20.24
CA VAL A 473 -0.51 3.95 19.13
C VAL A 473 0.88 3.34 19.23
N ILE A 474 1.43 2.94 18.10
CA ILE A 474 2.80 2.43 18.00
C ILE A 474 3.56 3.32 17.04
N ILE A 475 4.72 3.82 17.48
CA ILE A 475 5.54 4.75 16.70
C ILE A 475 6.98 4.27 16.73
N ILE A 476 7.60 4.17 15.55
CA ILE A 476 8.99 3.76 15.45
C ILE A 476 9.72 4.66 14.47
N PRO A 477 11.03 4.87 14.70
CA PRO A 477 11.86 5.51 13.68
C PRO A 477 12.41 4.49 12.69
N THR A 478 12.27 4.76 11.40
CA THR A 478 12.59 3.77 10.38
C THR A 478 14.04 3.92 9.90
N LYS A 479 14.44 3.01 9.02
CA LYS A 479 15.79 2.99 8.45
C LYS A 479 15.71 3.42 7.00
N VAL A 480 16.44 4.48 6.65
CA VAL A 480 16.40 5.07 5.32
C VAL A 480 17.79 4.99 4.69
N VAL A 481 17.83 4.61 3.42
CA VAL A 481 19.07 4.51 2.66
C VAL A 481 19.34 5.82 1.95
N GLU A 482 20.60 6.25 1.96
CA GLU A 482 20.99 7.45 1.22
C GLU A 482 20.85 7.22 -0.28
N LYS A 483 21.41 6.12 -0.78
CA LYS A 483 21.35 5.78 -2.20
C LYS A 483 20.50 4.52 -2.38
N PRO A 484 19.19 4.65 -2.51
CA PRO A 484 18.38 3.48 -2.87
C PRO A 484 18.44 3.20 -4.36
N VAL A 485 18.10 1.98 -4.72
CA VAL A 485 18.17 1.55 -6.12
C VAL A 485 16.85 1.78 -6.84
N ALA A 486 15.72 1.41 -6.22
CA ALA A 486 14.40 1.64 -6.78
C ALA A 486 13.45 2.06 -5.67
N THR A 487 12.56 3.01 -5.96
CA THR A 487 11.72 3.61 -4.93
C THR A 487 10.22 3.48 -5.22
N VAL A 488 9.81 2.63 -6.17
CA VAL A 488 8.41 2.33 -6.39
C VAL A 488 8.13 0.94 -5.82
N GLY A 489 7.14 0.85 -4.93
CA GLY A 489 6.81 -0.39 -4.27
C GLY A 489 7.17 -0.43 -2.80
N ILE A 490 8.01 0.53 -2.37
CA ILE A 490 8.48 0.57 -0.95
C ILE A 490 7.26 0.71 -0.03
N GLY A 491 6.26 1.48 -0.42
CA GLY A 491 5.07 1.66 0.41
C GLY A 491 4.25 0.40 0.56
N ASP A 492 3.97 -0.28 -0.54
CA ASP A 492 3.17 -1.52 -0.48
C ASP A 492 3.93 -2.51 0.39
N THR A 493 5.25 -2.54 0.22
CA THR A 493 6.12 -3.50 0.96
C THR A 493 6.00 -3.25 2.47
N ILE A 494 5.90 -1.98 2.91
CA ILE A 494 5.87 -1.72 4.36
C ILE A 494 4.58 -2.25 4.96
N SER A 495 3.46 -1.92 4.37
CA SER A 495 2.19 -2.35 4.94
C SER A 495 1.99 -3.85 4.79
N ALA A 496 2.40 -4.42 3.65
CA ALA A 496 2.24 -5.84 3.44
C ALA A 496 3.10 -6.65 4.40
N ALA A 497 4.37 -6.27 4.54
CA ALA A 497 5.26 -6.97 5.46
C ALA A 497 4.78 -6.83 6.90
N ALA A 498 4.21 -5.67 7.24
CA ALA A 498 3.70 -5.48 8.59
C ALA A 498 2.41 -6.26 8.80
N PHE A 499 1.58 -6.36 7.77
CA PHE A 499 0.29 -7.04 7.93
C PHE A 499 0.46 -8.54 8.07
N VAL A 500 1.31 -9.14 7.23
CA VAL A 500 1.55 -10.58 7.33
C VAL A 500 2.23 -10.92 8.65
N SER A 501 3.09 -10.04 9.15
CA SER A 501 3.74 -10.30 10.44
C SER A 501 2.73 -10.31 11.58
N VAL A 502 1.61 -9.60 11.42
CA VAL A 502 0.57 -9.60 12.46
C VAL A 502 -0.19 -10.92 12.44
N LEU A 503 -0.58 -11.39 11.26
CA LEU A 503 -1.28 -12.67 11.15
C LEU A 503 -0.43 -13.82 11.67
N ALA A 504 0.90 -13.71 11.54
CA ALA A 504 1.78 -14.75 12.05
C ALA A 504 1.72 -14.84 13.56
N LYS A 505 1.96 -13.72 14.24
CA LYS A 505 1.95 -13.65 15.70
C LYS A 505 0.54 -13.65 16.28
N MET A 506 -0.50 -13.79 15.45
CA MET A 506 -1.85 -13.87 15.96
C MET A 506 -2.04 -15.15 16.77
N LYS A 507 -2.57 -15.02 17.98
CA LYS A 507 -2.89 -16.18 18.80
C LYS A 507 -4.05 -17.00 18.25
N LYS A 508 -4.68 -16.56 17.17
CA LYS A 508 -5.79 -17.29 16.54
C LYS A 508 -5.23 -18.40 15.66
N LYS A 509 -4.57 -19.35 16.32
CA LYS A 509 -4.00 -20.52 15.67
C LYS A 509 -3.56 -21.54 16.71
#